data_5V84
#
_entry.id   5V84
#
_cell.length_a   101.184
_cell.length_b   116.488
_cell.length_c   132.930
_cell.angle_alpha   90.000
_cell.angle_beta   90.000
_cell.angle_gamma   90.000
#
_symmetry.space_group_name_H-M   'I 2 2 2'
#
loop_
_entity.id
_entity.type
_entity.pdbx_description
1 polymer 'Cat eye syndrome critical region protein 2'
2 non-polymer 'SULFATE ION'
3 non-polymer 'N,2-dimethyl-7-oxo-N-{1-[(1S)-1-phenylethyl]piperidin-4-yl}-6-(prop-2-en-1-yl)-6,7-dihydro-1H-pyrrolo[2,3-c]pyridine-4- carboxamide'
4 water water
#
_entity_poly.entity_id   1
_entity_poly.type   'polypeptide(L)'
_entity_poly.pdbx_seq_one_letter_code
;MHHHHHHASDYKDDDDKGSLVPRGSMREEKKTKDLFELDDDFTAMYKVLDVVKAHKDSWPFLEPVDESYAPNYYQIIKAP
MDISSMEKKLNGGLYCTKEEFVNDMKTMFRNCRKYNGESSEYTKMSDNLERCFHRAMMKH
;
_entity_poly.pdbx_strand_id   A,B,C,D
#
# COMPACT_ATOMS: atom_id res chain seq x y z
N ASP A 39 12.04 19.22 6.77
CA ASP A 39 12.81 20.09 7.66
C ASP A 39 12.33 19.97 9.14
N ASP A 40 12.39 18.72 9.67
CA ASP A 40 12.04 18.26 11.03
C ASP A 40 12.62 16.84 11.10
N ASP A 41 13.05 16.34 12.31
CA ASP A 41 13.61 14.98 12.43
C ASP A 41 12.74 13.92 11.76
N PHE A 42 11.41 13.93 12.04
CA PHE A 42 10.45 13.01 11.44
C PHE A 42 10.51 13.07 9.90
N THR A 43 10.24 14.27 9.33
CA THR A 43 10.24 14.56 7.89
C THR A 43 11.53 14.12 7.25
N ALA A 44 12.67 14.41 7.91
CA ALA A 44 14.01 14.02 7.44
C ALA A 44 14.10 12.49 7.34
N MET A 45 13.74 11.77 8.42
CA MET A 45 13.78 10.32 8.48
C MET A 45 12.83 9.68 7.47
N TYR A 46 11.65 10.31 7.24
CA TYR A 46 10.67 9.85 6.24
C TYR A 46 11.28 9.94 4.84
N LYS A 47 11.84 11.11 4.49
CA LYS A 47 12.47 11.34 3.19
C LYS A 47 13.61 10.35 2.94
N VAL A 48 14.47 10.12 3.97
CA VAL A 48 15.60 9.18 3.95
C VAL A 48 15.10 7.76 3.62
N LEU A 49 14.08 7.26 4.36
CA LEU A 49 13.60 5.91 4.12
C LEU A 49 13.07 5.74 2.70
N ASP A 50 12.37 6.77 2.19
CA ASP A 50 11.85 6.75 0.82
C ASP A 50 12.95 6.59 -0.21
N VAL A 51 14.06 7.32 -0.03
CA VAL A 51 15.24 7.29 -0.89
C VAL A 51 15.85 5.90 -0.84
N VAL A 52 16.03 5.40 0.39
CA VAL A 52 16.60 4.07 0.64
C VAL A 52 15.76 2.98 -0.04
N LYS A 53 14.43 2.97 0.14
CA LYS A 53 13.55 1.99 -0.48
C LYS A 53 13.66 1.99 -2.01
N ALA A 54 13.86 3.16 -2.61
CA ALA A 54 13.98 3.36 -4.06
C ALA A 54 15.28 2.79 -4.67
N HIS A 55 16.35 2.61 -3.85
CA HIS A 55 17.66 2.09 -4.28
C HIS A 55 17.53 0.69 -4.86
N LYS A 56 18.28 0.44 -5.96
CA LYS A 56 18.30 -0.84 -6.71
C LYS A 56 18.56 -2.08 -5.84
N ASP A 57 19.30 -1.92 -4.74
CA ASP A 57 19.67 -3.04 -3.86
C ASP A 57 18.88 -3.12 -2.54
N SER A 58 17.78 -2.40 -2.42
CA SER A 58 16.99 -2.38 -1.19
C SER A 58 16.10 -3.59 -0.97
N TRP A 59 15.63 -4.23 -2.08
CA TRP A 59 14.64 -5.31 -2.09
C TRP A 59 14.94 -6.46 -1.05
N PRO A 60 16.17 -6.91 -0.72
CA PRO A 60 16.31 -7.95 0.33
C PRO A 60 16.12 -7.41 1.77
N PHE A 61 16.14 -6.09 1.94
CA PHE A 61 15.98 -5.39 3.21
C PHE A 61 14.61 -4.79 3.46
N LEU A 62 13.67 -4.95 2.52
CA LEU A 62 12.35 -4.34 2.61
C LEU A 62 11.46 -4.95 3.70
N GLU A 63 11.48 -6.26 3.87
CA GLU A 63 10.62 -6.92 4.84
C GLU A 63 11.44 -7.77 5.82
N PRO A 64 10.88 -8.26 6.97
CA PRO A 64 11.64 -9.18 7.83
C PRO A 64 12.08 -10.42 7.04
N VAL A 65 13.31 -10.91 7.30
CA VAL A 65 13.93 -12.05 6.61
C VAL A 65 13.04 -13.30 6.63
N ASP A 66 12.79 -13.90 5.42
CA ASP A 66 12.05 -15.14 5.28
C ASP A 66 13.04 -16.26 5.56
N GLU A 67 12.85 -16.99 6.67
CA GLU A 67 13.72 -18.08 7.10
C GLU A 67 13.84 -19.22 6.09
N SER A 68 12.89 -19.32 5.13
CA SER A 68 12.94 -20.37 4.10
C SER A 68 14.05 -20.07 3.07
N TYR A 69 14.46 -18.78 2.96
CA TYR A 69 15.53 -18.36 2.08
C TYR A 69 16.85 -18.30 2.84
N ALA A 70 16.79 -18.05 4.15
CA ALA A 70 17.96 -17.96 5.05
C ALA A 70 17.80 -18.91 6.26
N PRO A 71 18.28 -20.18 6.14
CA PRO A 71 18.13 -21.16 7.25
C PRO A 71 18.67 -20.69 8.60
N ASN A 72 17.86 -20.89 9.66
CA ASN A 72 18.13 -20.53 11.07
C ASN A 72 18.54 -19.06 11.27
N TYR A 73 18.10 -18.14 10.37
CA TYR A 73 18.40 -16.71 10.48
C TYR A 73 18.11 -16.20 11.87
N TYR A 74 16.88 -16.47 12.36
CA TYR A 74 16.38 -16.05 13.67
C TYR A 74 17.11 -16.71 14.85
N GLN A 75 17.79 -17.84 14.63
CA GLN A 75 18.58 -18.51 15.67
C GLN A 75 19.94 -17.80 15.81
N ILE A 76 20.51 -17.36 14.67
CA ILE A 76 21.80 -16.66 14.55
C ILE A 76 21.70 -15.17 14.91
N ILE A 77 20.72 -14.47 14.32
CA ILE A 77 20.49 -13.03 14.50
C ILE A 77 19.55 -12.77 15.66
N LYS A 78 20.11 -12.14 16.70
CA LYS A 78 19.42 -11.81 17.95
C LYS A 78 18.53 -10.58 17.82
N ALA A 79 18.95 -9.58 17.01
CA ALA A 79 18.17 -8.36 16.80
C ALA A 79 17.82 -8.16 15.33
N PRO A 80 16.83 -8.89 14.77
CA PRO A 80 16.49 -8.64 13.36
C PRO A 80 15.88 -7.25 13.12
N MET A 81 16.22 -6.64 11.97
CA MET A 81 15.76 -5.29 11.59
C MET A 81 15.64 -5.22 10.09
N ASP A 82 14.63 -4.47 9.60
CA ASP A 82 14.36 -4.30 8.18
C ASP A 82 13.70 -2.95 7.93
N ILE A 83 13.67 -2.51 6.67
CA ILE A 83 13.09 -1.22 6.28
C ILE A 83 11.61 -1.07 6.70
N SER A 84 10.78 -2.13 6.51
CA SER A 84 9.36 -2.03 6.85
C SER A 84 9.13 -1.81 8.35
N SER A 85 9.99 -2.43 9.21
CA SER A 85 9.94 -2.29 10.66
C SER A 85 10.31 -0.88 11.10
N MET A 86 11.35 -0.30 10.46
CA MET A 86 11.80 1.09 10.67
C MET A 86 10.73 2.07 10.17
N GLU A 87 10.05 1.75 9.04
CA GLU A 87 8.95 2.56 8.51
C GLU A 87 7.86 2.64 9.53
N LYS A 88 7.51 1.48 10.11
CA LYS A 88 6.45 1.35 11.12
C LYS A 88 6.80 2.08 12.44
N LYS A 89 8.10 2.04 12.81
CA LYS A 89 8.60 2.70 14.01
C LYS A 89 8.51 4.23 13.87
N LEU A 90 8.95 4.75 12.71
CA LEU A 90 8.91 6.16 12.35
C LEU A 90 7.48 6.71 12.32
N ASN A 91 6.57 6.06 11.55
CA ASN A 91 5.18 6.47 11.44
C ASN A 91 4.40 6.31 12.74
N GLY A 92 4.92 5.48 13.65
CA GLY A 92 4.31 5.27 14.96
C GLY A 92 4.76 6.25 16.03
N GLY A 93 5.65 7.19 15.65
CA GLY A 93 6.21 8.20 16.54
C GLY A 93 7.22 7.66 17.54
N LEU A 94 7.89 6.54 17.19
CA LEU A 94 8.83 5.84 18.07
C LEU A 94 10.29 6.26 17.91
N TYR A 95 10.62 7.12 16.94
CA TYR A 95 11.99 7.62 16.83
C TYR A 95 12.05 9.04 17.37
N CYS A 96 12.48 9.19 18.64
CA CYS A 96 12.56 10.50 19.28
C CYS A 96 13.64 11.37 18.67
N THR A 97 14.75 10.73 18.28
CA THR A 97 15.94 11.35 17.69
C THR A 97 16.46 10.52 16.56
N LYS A 98 17.27 11.11 15.68
CA LYS A 98 17.89 10.39 14.57
C LYS A 98 18.82 9.25 15.08
N GLU A 99 19.39 9.41 16.29
CA GLU A 99 20.27 8.42 16.92
C GLU A 99 19.63 7.04 16.97
N GLU A 100 18.39 6.99 17.49
CA GLU A 100 17.54 5.81 17.60
C GLU A 100 17.41 5.11 16.26
N PHE A 101 17.18 5.89 15.17
CA PHE A 101 16.99 5.50 13.76
C PHE A 101 18.27 4.95 13.18
N VAL A 102 19.41 5.68 13.32
CA VAL A 102 20.74 5.26 12.87
C VAL A 102 21.10 3.90 13.50
N ASN A 103 20.79 3.70 14.79
CA ASN A 103 21.08 2.45 15.47
C ASN A 103 20.37 1.24 14.89
N ASP A 104 19.12 1.43 14.46
CA ASP A 104 18.34 0.36 13.82
C ASP A 104 18.93 0.04 12.46
N MET A 105 19.33 1.08 11.72
CA MET A 105 19.96 0.95 10.42
C MET A 105 21.28 0.17 10.55
N LYS A 106 22.13 0.55 11.55
CA LYS A 106 23.39 -0.11 11.89
C LYS A 106 23.15 -1.60 12.12
N THR A 107 22.10 -1.94 12.88
CA THR A 107 21.71 -3.30 13.22
C THR A 107 21.37 -4.12 11.97
N MET A 108 20.58 -3.53 11.07
CA MET A 108 20.14 -4.11 9.81
C MET A 108 21.30 -4.56 8.95
N PHE A 109 22.36 -3.73 8.86
CA PHE A 109 23.57 -4.02 8.08
C PHE A 109 24.52 -4.94 8.79
N ARG A 110 24.57 -4.85 10.15
CA ARG A 110 25.42 -5.71 10.99
C ARG A 110 24.95 -7.16 10.81
N ASN A 111 23.63 -7.40 10.88
CA ASN A 111 23.00 -8.71 10.70
C ASN A 111 23.32 -9.34 9.33
N CYS A 112 23.40 -8.51 8.27
CA CYS A 112 23.72 -8.93 6.90
C CYS A 112 25.16 -9.49 6.83
N ARG A 113 26.18 -8.69 7.23
CA ARG A 113 27.59 -9.09 7.31
C ARG A 113 27.73 -10.35 8.20
N LYS A 114 27.10 -10.35 9.41
CA LYS A 114 27.14 -11.49 10.35
C LYS A 114 26.67 -12.78 9.71
N TYR A 115 25.47 -12.77 9.15
CA TYR A 115 24.89 -13.98 8.59
C TYR A 115 25.48 -14.41 7.23
N ASN A 116 25.72 -13.47 6.33
CA ASN A 116 26.14 -13.78 4.97
C ASN A 116 27.62 -13.76 4.70
N GLY A 117 28.41 -13.12 5.59
CA GLY A 117 29.86 -13.02 5.45
C GLY A 117 30.31 -11.86 4.60
N GLU A 118 31.60 -11.49 4.69
CA GLU A 118 32.17 -10.35 3.99
C GLU A 118 32.12 -10.46 2.45
N SER A 119 32.28 -11.68 1.92
CA SER A 119 32.32 -11.95 0.49
C SER A 119 30.96 -12.16 -0.19
N SER A 120 29.86 -12.14 0.59
CA SER A 120 28.51 -12.37 0.06
C SER A 120 28.01 -11.26 -0.85
N GLU A 121 27.19 -11.63 -1.83
CA GLU A 121 26.59 -10.70 -2.76
C GLU A 121 25.61 -9.77 -2.02
N TYR A 122 25.00 -10.28 -0.92
CA TYR A 122 24.12 -9.50 -0.04
C TYR A 122 24.89 -8.38 0.65
N THR A 123 26.14 -8.67 1.04
CA THR A 123 27.02 -7.73 1.73
C THR A 123 27.39 -6.57 0.80
N LYS A 124 27.62 -6.86 -0.51
CA LYS A 124 27.90 -5.83 -1.51
C LYS A 124 26.68 -4.88 -1.59
N MET A 125 25.48 -5.47 -1.60
CA MET A 125 24.20 -4.74 -1.64
C MET A 125 24.00 -3.90 -0.38
N SER A 126 24.37 -4.47 0.79
CA SER A 126 24.23 -3.78 2.07
C SER A 126 25.22 -2.62 2.22
N ASP A 127 26.37 -2.68 1.51
CA ASP A 127 27.34 -1.58 1.50
C ASP A 127 26.79 -0.45 0.65
N ASN A 128 26.19 -0.82 -0.51
CA ASN A 128 25.59 0.12 -1.45
C ASN A 128 24.45 0.88 -0.78
N LEU A 129 23.60 0.14 -0.05
CA LEU A 129 22.44 0.70 0.66
C LEU A 129 22.88 1.59 1.83
N GLU A 130 24.00 1.21 2.51
CA GLU A 130 24.56 1.99 3.63
C GLU A 130 25.04 3.33 3.12
N ARG A 131 25.75 3.35 1.95
CA ARG A 131 26.22 4.53 1.25
C ARG A 131 24.99 5.36 0.88
N CYS A 132 23.92 4.70 0.34
CA CYS A 132 22.65 5.35 0.02
C CYS A 132 22.03 6.05 1.25
N PHE A 133 22.03 5.35 2.44
CA PHE A 133 21.52 5.87 3.72
C PHE A 133 22.28 7.12 4.09
N HIS A 134 23.62 7.07 3.97
CA HIS A 134 24.51 8.17 4.30
C HIS A 134 24.26 9.41 3.43
N ARG A 135 24.21 9.27 2.08
CA ARG A 135 23.97 10.40 1.17
C ARG A 135 22.68 11.15 1.54
N ALA A 136 21.61 10.37 1.79
CA ALA A 136 20.27 10.84 2.15
C ALA A 136 20.27 11.60 3.46
N MET A 137 21.02 11.13 4.44
CA MET A 137 21.15 11.76 5.77
C MET A 137 21.83 13.11 5.68
N MET A 138 22.72 13.27 4.70
CA MET A 138 23.43 14.51 4.48
C MET A 138 22.55 15.53 3.75
N LYS A 139 21.68 15.06 2.85
CA LYS A 139 20.76 15.89 2.05
C LYS A 139 19.56 16.34 2.88
N HIS A 140 18.87 15.39 3.54
CA HIS A 140 17.68 15.66 4.33
C HIS A 140 17.96 15.92 5.84
N ASP B 40 -0.06 4.23 -25.24
CA ASP B 40 -1.15 3.30 -25.50
C ASP B 40 -2.33 3.48 -24.54
N ASP B 41 -3.37 2.60 -24.67
CA ASP B 41 -4.59 2.59 -23.85
C ASP B 41 -4.30 2.29 -22.37
N PHE B 42 -3.39 1.32 -22.11
CA PHE B 42 -3.02 0.91 -20.75
C PHE B 42 -2.56 2.09 -19.87
N THR B 43 -1.52 2.80 -20.32
CA THR B 43 -0.89 3.94 -19.65
C THR B 43 -1.87 5.08 -19.48
N ALA B 44 -2.71 5.31 -20.51
CA ALA B 44 -3.74 6.36 -20.51
C ALA B 44 -4.73 6.11 -19.38
N MET B 45 -5.26 4.87 -19.28
CA MET B 45 -6.21 4.43 -18.23
C MET B 45 -5.58 4.57 -16.86
N TYR B 46 -4.26 4.32 -16.78
CA TYR B 46 -3.50 4.40 -15.55
C TYR B 46 -3.44 5.84 -15.05
N LYS B 47 -3.06 6.76 -15.94
CA LYS B 47 -2.94 8.20 -15.66
C LYS B 47 -4.29 8.81 -15.28
N VAL B 48 -5.35 8.37 -15.93
CA VAL B 48 -6.71 8.85 -15.70
C VAL B 48 -7.19 8.46 -14.29
N LEU B 49 -6.94 7.22 -13.81
CA LEU B 49 -7.33 6.84 -12.45
C LEU B 49 -6.58 7.64 -11.40
N ASP B 50 -5.29 7.90 -11.68
CA ASP B 50 -4.45 8.68 -10.77
C ASP B 50 -5.01 10.08 -10.57
N VAL B 51 -5.48 10.71 -11.68
CA VAL B 51 -6.04 12.07 -11.67
C VAL B 51 -7.33 12.05 -10.84
N VAL B 52 -8.20 11.06 -11.12
CA VAL B 52 -9.46 10.88 -10.41
C VAL B 52 -9.22 10.70 -8.91
N LYS B 53 -8.32 9.78 -8.49
CA LYS B 53 -7.99 9.54 -7.08
C LYS B 53 -7.53 10.81 -6.38
N ALA B 54 -6.76 11.67 -7.07
CA ALA B 54 -6.20 12.93 -6.55
C ALA B 54 -7.22 14.02 -6.26
N HIS B 55 -8.40 13.97 -6.93
CA HIS B 55 -9.47 14.94 -6.77
C HIS B 55 -9.99 15.00 -5.32
N LYS B 56 -10.25 16.24 -4.82
CA LYS B 56 -10.70 16.54 -3.45
C LYS B 56 -11.93 15.73 -3.01
N ASP B 57 -12.82 15.36 -3.95
CA ASP B 57 -14.06 14.65 -3.66
C ASP B 57 -14.04 13.13 -3.96
N SER B 58 -12.84 12.55 -4.19
CA SER B 58 -12.73 11.12 -4.52
C SER B 58 -12.87 10.18 -3.33
N TRP B 59 -12.51 10.64 -2.12
CA TRP B 59 -12.40 9.84 -0.90
C TRP B 59 -13.64 8.92 -0.64
N PRO B 60 -14.93 9.28 -0.87
CA PRO B 60 -16.00 8.28 -0.66
C PRO B 60 -16.06 7.16 -1.71
N PHE B 61 -15.35 7.33 -2.84
CA PHE B 61 -15.31 6.39 -3.98
C PHE B 61 -14.02 5.53 -4.03
N LEU B 62 -13.11 5.70 -3.06
CA LEU B 62 -11.83 5.00 -3.06
C LEU B 62 -11.93 3.50 -2.78
N GLU B 63 -12.82 3.10 -1.86
CA GLU B 63 -12.97 1.67 -1.50
C GLU B 63 -14.41 1.18 -1.70
N PRO B 64 -14.69 -0.15 -1.69
CA PRO B 64 -16.10 -0.60 -1.77
C PRO B 64 -16.92 0.01 -0.62
N VAL B 65 -18.18 0.40 -0.90
CA VAL B 65 -19.11 1.01 0.04
C VAL B 65 -19.28 0.17 1.31
N ASP B 66 -19.07 0.81 2.48
CA ASP B 66 -19.22 0.21 3.80
C ASP B 66 -20.71 0.29 4.10
N GLU B 67 -21.38 -0.87 4.14
CA GLU B 67 -22.81 -0.98 4.38
C GLU B 67 -23.27 -0.39 5.70
N SER B 68 -22.34 -0.20 6.67
CA SER B 68 -22.68 0.42 7.96
C SER B 68 -22.95 1.94 7.81
N TYR B 69 -22.42 2.55 6.74
CA TYR B 69 -22.63 3.95 6.40
C TYR B 69 -23.78 4.11 5.44
N ALA B 70 -24.03 3.09 4.61
CA ALA B 70 -25.10 3.05 3.61
C ALA B 70 -25.96 1.76 3.76
N PRO B 71 -27.05 1.81 4.57
CA PRO B 71 -27.90 0.61 4.78
C PRO B 71 -28.43 -0.02 3.50
N ASN B 72 -28.31 -1.37 3.42
CA ASN B 72 -28.74 -2.24 2.31
C ASN B 72 -28.20 -1.81 0.93
N TYR B 73 -27.02 -1.15 0.89
CA TYR B 73 -26.40 -0.70 -0.36
C TYR B 73 -26.37 -1.82 -1.39
N TYR B 74 -25.89 -3.02 -0.97
CA TYR B 74 -25.72 -4.19 -1.81
C TYR B 74 -27.03 -4.86 -2.19
N GLN B 75 -28.13 -4.54 -1.49
CA GLN B 75 -29.44 -5.05 -1.87
C GLN B 75 -30.01 -4.17 -2.99
N ILE B 76 -29.75 -2.86 -2.95
CA ILE B 76 -30.17 -1.83 -3.92
C ILE B 76 -29.31 -1.81 -5.17
N ILE B 77 -27.97 -1.76 -5.01
CA ILE B 77 -27.01 -1.68 -6.10
C ILE B 77 -26.59 -3.08 -6.56
N LYS B 78 -26.94 -3.41 -7.80
CA LYS B 78 -26.67 -4.75 -8.33
C LYS B 78 -25.28 -4.89 -8.91
N ALA B 79 -24.65 -3.79 -9.37
CA ALA B 79 -23.26 -3.87 -9.86
C ALA B 79 -22.38 -2.85 -9.14
N PRO B 80 -22.01 -3.07 -7.87
CA PRO B 80 -21.18 -2.07 -7.16
C PRO B 80 -19.80 -1.88 -7.80
N MET B 81 -19.30 -0.63 -7.77
CA MET B 81 -18.00 -0.28 -8.34
C MET B 81 -17.35 0.82 -7.53
N ASP B 82 -16.02 0.77 -7.38
CA ASP B 82 -15.23 1.78 -6.68
C ASP B 82 -13.86 1.89 -7.34
N ILE B 83 -13.13 2.97 -7.03
CA ILE B 83 -11.81 3.21 -7.61
C ILE B 83 -10.82 2.08 -7.33
N SER B 84 -10.78 1.52 -6.10
CA SER B 84 -9.81 0.45 -5.78
C SER B 84 -10.05 -0.83 -6.60
N SER B 85 -11.33 -1.14 -6.89
CA SER B 85 -11.75 -2.28 -7.70
C SER B 85 -11.32 -2.12 -9.16
N MET B 86 -11.43 -0.89 -9.72
CA MET B 86 -11.01 -0.58 -11.10
C MET B 86 -9.49 -0.66 -11.18
N GLU B 87 -8.80 -0.18 -10.10
CA GLU B 87 -7.34 -0.25 -10.03
C GLU B 87 -6.91 -1.71 -10.09
N LYS B 88 -7.62 -2.58 -9.34
CA LYS B 88 -7.34 -4.02 -9.32
C LYS B 88 -7.59 -4.67 -10.70
N LYS B 89 -8.64 -4.22 -11.44
CA LYS B 89 -8.97 -4.74 -12.76
C LYS B 89 -7.91 -4.31 -13.77
N LEU B 90 -7.54 -3.03 -13.71
CA LEU B 90 -6.54 -2.44 -14.59
C LEU B 90 -5.20 -3.13 -14.43
N ASN B 91 -4.72 -3.20 -13.18
CA ASN B 91 -3.44 -3.85 -12.88
C ASN B 91 -3.44 -5.36 -13.14
N GLY B 92 -4.63 -5.97 -13.12
CA GLY B 92 -4.82 -7.39 -13.37
C GLY B 92 -4.98 -7.76 -14.82
N GLY B 93 -4.91 -6.77 -15.71
CA GLY B 93 -5.03 -6.94 -17.16
C GLY B 93 -6.43 -7.29 -17.62
N LEU B 94 -7.45 -6.84 -16.85
CA LEU B 94 -8.86 -7.16 -17.11
C LEU B 94 -9.59 -6.13 -18.00
N TYR B 95 -8.94 -5.00 -18.30
CA TYR B 95 -9.51 -4.01 -19.20
C TYR B 95 -8.90 -4.18 -20.58
N CYS B 96 -9.62 -4.87 -21.47
CA CYS B 96 -9.22 -5.07 -22.85
C CYS B 96 -9.37 -3.79 -23.65
N THR B 97 -10.50 -3.06 -23.42
CA THR B 97 -10.80 -1.81 -24.12
C THR B 97 -10.70 -0.67 -23.17
N LYS B 98 -10.65 0.57 -23.71
CA LYS B 98 -10.71 1.84 -22.98
C LYS B 98 -12.20 1.95 -22.54
N GLU B 99 -13.14 1.57 -23.45
CA GLU B 99 -14.60 1.56 -23.30
C GLU B 99 -15.05 0.76 -22.07
N GLU B 100 -14.50 -0.47 -21.87
CA GLU B 100 -14.80 -1.40 -20.77
C GLU B 100 -14.52 -0.77 -19.41
N PHE B 101 -13.47 0.08 -19.36
CA PHE B 101 -12.99 0.83 -18.21
C PHE B 101 -13.89 2.02 -17.92
N VAL B 102 -14.22 2.79 -18.99
CA VAL B 102 -15.11 3.94 -18.99
C VAL B 102 -16.52 3.53 -18.50
N ASN B 103 -16.95 2.29 -18.80
CA ASN B 103 -18.23 1.78 -18.34
C ASN B 103 -18.26 1.51 -16.84
N ASP B 104 -17.14 1.07 -16.26
CA ASP B 104 -17.06 0.83 -14.82
C ASP B 104 -17.11 2.16 -14.08
N MET B 105 -16.42 3.18 -14.63
CA MET B 105 -16.42 4.53 -14.07
C MET B 105 -17.83 5.11 -14.06
N LYS B 106 -18.53 4.96 -15.20
CA LYS B 106 -19.90 5.42 -15.43
C LYS B 106 -20.85 4.76 -14.44
N THR B 107 -20.67 3.45 -14.20
CA THR B 107 -21.46 2.66 -13.27
C THR B 107 -21.26 3.22 -11.85
N MET B 108 -20.00 3.54 -11.50
CA MET B 108 -19.65 4.09 -10.19
C MET B 108 -20.47 5.34 -9.86
N PHE B 109 -20.66 6.25 -10.85
CA PHE B 109 -21.44 7.50 -10.70
C PHE B 109 -22.93 7.23 -10.78
N ARG B 110 -23.31 6.23 -11.59
CA ARG B 110 -24.71 5.87 -11.76
C ARG B 110 -25.24 5.30 -10.43
N ASN B 111 -24.45 4.40 -9.80
CA ASN B 111 -24.75 3.78 -8.50
C ASN B 111 -24.95 4.86 -7.41
N CYS B 112 -24.11 5.89 -7.41
CA CYS B 112 -24.17 6.98 -6.43
C CYS B 112 -25.52 7.69 -6.50
N ARG B 113 -25.89 8.16 -7.71
CA ARG B 113 -27.16 8.82 -8.05
C ARG B 113 -28.32 7.94 -7.69
N LYS B 114 -28.25 6.63 -8.07
CA LYS B 114 -29.32 5.67 -7.81
C LYS B 114 -29.58 5.52 -6.33
N TYR B 115 -28.54 5.23 -5.56
CA TYR B 115 -28.64 4.99 -4.14
C TYR B 115 -28.92 6.25 -3.29
N ASN B 116 -28.20 7.36 -3.53
CA ASN B 116 -28.28 8.57 -2.71
C ASN B 116 -29.30 9.61 -3.12
N GLY B 117 -29.74 9.56 -4.38
CA GLY B 117 -30.66 10.52 -4.96
C GLY B 117 -29.97 11.71 -5.60
N GLU B 118 -30.71 12.48 -6.41
CA GLU B 118 -30.18 13.64 -7.14
C GLU B 118 -29.72 14.78 -6.22
N SER B 119 -30.41 14.96 -5.10
CA SER B 119 -30.13 16.04 -4.14
C SER B 119 -29.07 15.74 -3.09
N SER B 120 -28.53 14.52 -3.06
CA SER B 120 -27.53 14.12 -2.08
C SER B 120 -26.20 14.83 -2.21
N GLU B 121 -25.51 15.03 -1.07
CA GLU B 121 -24.18 15.66 -1.02
C GLU B 121 -23.16 14.78 -1.75
N TYR B 122 -23.38 13.45 -1.72
CA TYR B 122 -22.55 12.46 -2.41
C TYR B 122 -22.63 12.64 -3.92
N THR B 123 -23.84 12.94 -4.41
CA THR B 123 -24.11 13.17 -5.83
C THR B 123 -23.39 14.44 -6.31
N LYS B 124 -23.27 15.49 -5.47
CA LYS B 124 -22.55 16.72 -5.83
C LYS B 124 -21.08 16.37 -6.06
N MET B 125 -20.53 15.57 -5.17
CA MET B 125 -19.15 15.14 -5.28
C MET B 125 -18.93 14.23 -6.49
N SER B 126 -19.92 13.35 -6.78
CA SER B 126 -19.94 12.44 -7.92
C SER B 126 -19.89 13.24 -9.22
N ASP B 127 -20.60 14.38 -9.27
CA ASP B 127 -20.64 15.26 -10.45
C ASP B 127 -19.30 15.88 -10.65
N ASN B 128 -18.68 16.34 -9.55
CA ASN B 128 -17.36 16.95 -9.54
C ASN B 128 -16.32 15.97 -10.08
N LEU B 129 -16.38 14.73 -9.58
CA LEU B 129 -15.48 13.63 -9.94
C LEU B 129 -15.66 13.21 -11.40
N GLU B 130 -16.91 13.30 -11.90
CA GLU B 130 -17.24 12.96 -13.29
C GLU B 130 -16.65 13.91 -14.29
N ARG B 131 -16.77 15.21 -14.12
CA ARG B 131 -16.24 16.07 -15.17
C ARG B 131 -14.72 16.07 -15.11
N CYS B 132 -14.17 15.86 -13.93
CA CYS B 132 -12.73 15.74 -13.76
C CYS B 132 -12.24 14.54 -14.61
N PHE B 133 -12.97 13.40 -14.49
CA PHE B 133 -12.71 12.15 -15.20
C PHE B 133 -12.74 12.44 -16.68
N HIS B 134 -13.77 13.16 -17.13
CA HIS B 134 -13.89 13.52 -18.52
C HIS B 134 -12.76 14.43 -19.02
N ARG B 135 -12.40 15.46 -18.24
CA ARG B 135 -11.32 16.40 -18.56
C ARG B 135 -9.98 15.65 -18.78
N ALA B 136 -9.69 14.69 -17.89
CA ALA B 136 -8.51 13.82 -17.84
C ALA B 136 -8.44 12.88 -19.04
N MET B 137 -9.60 12.33 -19.46
CA MET B 137 -9.71 11.42 -20.59
C MET B 137 -9.35 12.11 -21.87
N MET B 138 -9.66 13.41 -21.96
CA MET B 138 -9.39 14.24 -23.13
C MET B 138 -7.92 14.62 -23.20
N LYS B 139 -7.30 14.88 -22.02
CA LYS B 139 -5.89 15.26 -21.93
C LYS B 139 -4.96 14.05 -22.16
N HIS B 140 -5.26 12.91 -21.49
CA HIS B 140 -4.51 11.65 -21.57
C HIS B 140 -5.22 10.62 -22.43
N ASP C 39 -10.52 26.27 -1.97
CA ASP C 39 -9.29 25.97 -1.23
C ASP C 39 -8.58 24.67 -1.72
N ASP C 40 -7.50 24.21 -1.02
CA ASP C 40 -6.73 23.02 -1.43
C ASP C 40 -6.79 21.87 -0.39
N ASP C 41 -6.20 20.72 -0.76
CA ASP C 41 -6.20 19.48 0.03
C ASP C 41 -5.51 19.64 1.40
N PHE C 42 -4.39 20.38 1.48
CA PHE C 42 -3.68 20.65 2.73
C PHE C 42 -4.60 21.30 3.76
N THR C 43 -5.18 22.47 3.41
CA THR C 43 -6.08 23.28 4.23
C THR C 43 -7.23 22.43 4.74
N ALA C 44 -7.83 21.60 3.86
CA ALA C 44 -8.92 20.68 4.19
C ALA C 44 -8.48 19.69 5.26
N MET C 45 -7.34 19.02 5.04
CA MET C 45 -6.79 18.05 5.98
C MET C 45 -6.40 18.67 7.33
N TYR C 46 -5.88 19.93 7.30
CA TYR C 46 -5.54 20.64 8.50
C TYR C 46 -6.80 20.94 9.31
N LYS C 47 -7.84 21.49 8.66
CA LYS C 47 -9.12 21.79 9.32
C LYS C 47 -9.74 20.54 9.93
N VAL C 48 -9.75 19.40 9.19
CA VAL C 48 -10.26 18.09 9.63
C VAL C 48 -9.54 17.63 10.91
N LEU C 49 -8.18 17.65 10.91
CA LEU C 49 -7.44 17.22 12.09
C LEU C 49 -7.76 18.08 13.30
N ASP C 50 -7.89 19.41 13.09
CA ASP C 50 -8.22 20.32 14.17
C ASP C 50 -9.55 19.99 14.81
N VAL C 51 -10.55 19.64 13.99
CA VAL C 51 -11.90 19.28 14.42
C VAL C 51 -11.82 17.99 15.24
N VAL C 52 -11.11 17.00 14.67
CA VAL C 52 -10.88 15.71 15.31
C VAL C 52 -10.21 15.88 16.69
N LYS C 53 -9.08 16.64 16.78
CA LYS C 53 -8.36 16.87 18.03
C LYS C 53 -9.27 17.49 19.10
N ALA C 54 -10.19 18.38 18.69
CA ALA C 54 -11.12 19.10 19.58
C ALA C 54 -12.19 18.20 20.20
N HIS C 55 -12.53 17.06 19.55
CA HIS C 55 -13.55 16.11 20.00
C HIS C 55 -13.25 15.56 21.40
N LYS C 56 -14.31 15.47 22.25
CA LYS C 56 -14.25 14.99 23.63
C LYS C 56 -13.54 13.63 23.82
N ASP C 57 -13.60 12.77 22.81
CA ASP C 57 -13.03 11.43 22.87
C ASP C 57 -11.68 11.27 22.11
N SER C 58 -11.01 12.36 21.75
CA SER C 58 -9.77 12.31 20.99
C SER C 58 -8.53 11.98 21.82
N TRP C 59 -8.56 12.30 23.14
CA TRP C 59 -7.43 12.20 24.06
C TRP C 59 -6.66 10.84 23.97
N PRO C 60 -7.25 9.63 23.77
CA PRO C 60 -6.40 8.42 23.66
C PRO C 60 -5.60 8.32 22.35
N PHE C 61 -6.02 9.11 21.36
CA PHE C 61 -5.48 9.10 19.99
C PHE C 61 -4.54 10.24 19.69
N LEU C 62 -4.29 11.13 20.65
CA LEU C 62 -3.46 12.32 20.42
C LEU C 62 -1.96 12.03 20.22
N GLU C 63 -1.40 11.10 21.01
CA GLU C 63 0.01 10.77 20.91
C GLU C 63 0.24 9.26 20.67
N PRO C 64 1.48 8.81 20.32
CA PRO C 64 1.73 7.36 20.20
C PRO C 64 1.44 6.65 21.53
N VAL C 65 0.87 5.43 21.48
CA VAL C 65 0.52 4.61 22.65
C VAL C 65 1.72 4.35 23.57
N ASP C 66 1.58 4.66 24.88
CA ASP C 66 2.60 4.40 25.89
C ASP C 66 2.43 2.94 26.30
N GLU C 67 3.43 2.09 26.00
CA GLU C 67 3.38 0.66 26.29
C GLU C 67 3.20 0.31 27.78
N SER C 68 3.49 1.25 28.69
CA SER C 68 3.30 1.04 30.13
C SER C 68 1.80 1.03 30.50
N TYR C 69 0.95 1.64 29.65
CA TYR C 69 -0.50 1.65 29.82
C TYR C 69 -1.14 0.52 29.04
N ALA C 70 -0.50 0.11 27.93
CA ALA C 70 -0.97 -0.95 27.04
C ALA C 70 0.13 -2.01 26.81
N PRO C 71 0.16 -3.07 27.67
CA PRO C 71 1.19 -4.12 27.52
C PRO C 71 1.29 -4.77 26.15
N ASN C 72 2.53 -4.89 25.64
CA ASN C 72 2.91 -5.46 24.35
C ASN C 72 2.18 -4.84 23.15
N TYR C 73 1.72 -3.58 23.25
CA TYR C 73 1.00 -2.90 22.16
C TYR C 73 1.75 -3.03 20.84
N TYR C 74 3.07 -2.74 20.86
CA TYR C 74 3.94 -2.76 19.69
C TYR C 74 4.28 -4.16 19.21
N GLN C 75 4.02 -5.18 20.04
CA GLN C 75 4.20 -6.57 19.60
C GLN C 75 2.95 -6.98 18.79
N ILE C 76 1.75 -6.54 19.24
CA ILE C 76 0.44 -6.81 18.64
C ILE C 76 0.17 -5.95 17.39
N ILE C 77 0.32 -4.61 17.52
CA ILE C 77 0.08 -3.62 16.47
C ILE C 77 1.33 -3.43 15.61
N LYS C 78 1.23 -3.83 14.35
CA LYS C 78 2.37 -3.75 13.45
C LYS C 78 2.57 -2.37 12.88
N ALA C 79 1.49 -1.61 12.61
CA ALA C 79 1.60 -0.27 12.05
C ALA C 79 0.94 0.77 12.97
N PRO C 80 1.60 1.19 14.06
CA PRO C 80 0.95 2.17 14.95
C PRO C 80 0.71 3.54 14.28
N MET C 81 -0.44 4.16 14.59
CA MET C 81 -0.88 5.45 14.07
C MET C 81 -1.61 6.25 15.13
N ASP C 82 -1.41 7.57 15.14
CA ASP C 82 -2.01 8.52 16.10
C ASP C 82 -2.14 9.88 15.43
N ILE C 83 -2.93 10.78 16.04
CA ILE C 83 -3.15 12.13 15.51
C ILE C 83 -1.84 12.94 15.37
N SER C 84 -0.90 12.82 16.34
CA SER C 84 0.32 13.62 16.27
C SER C 84 1.21 13.24 15.07
N SER C 85 1.18 11.96 14.68
CA SER C 85 1.97 11.45 13.56
C SER C 85 1.32 11.91 12.25
N MET C 86 -0.02 12.02 12.26
CA MET C 86 -0.76 12.47 11.08
C MET C 86 -0.42 13.94 10.86
N GLU C 87 -0.37 14.68 11.97
CA GLU C 87 -0.05 16.10 11.98
C GLU C 87 1.36 16.30 11.43
N LYS C 88 2.31 15.46 11.89
CA LYS C 88 3.70 15.52 11.44
C LYS C 88 3.82 15.29 9.91
N LYS C 89 3.06 14.30 9.38
CA LYS C 89 3.04 13.97 7.96
C LYS C 89 2.43 15.09 7.15
N LEU C 90 1.29 15.62 7.62
CA LEU C 90 0.58 16.72 6.98
C LEU C 90 1.47 17.95 6.88
N ASN C 91 2.01 18.40 8.02
CA ASN C 91 2.87 19.58 8.07
C ASN C 91 4.21 19.38 7.34
N GLY C 92 4.61 18.12 7.15
CA GLY C 92 5.84 17.77 6.46
C GLY C 92 5.68 17.62 4.97
N GLY C 93 4.45 17.82 4.48
CA GLY C 93 4.10 17.74 3.07
C GLY C 93 4.10 16.32 2.53
N LEU C 94 3.82 15.33 3.41
CA LEU C 94 3.82 13.91 3.07
C LEU C 94 2.45 13.35 2.63
N TYR C 95 1.39 14.14 2.74
CA TYR C 95 0.08 13.72 2.23
C TYR C 95 -0.19 14.47 0.92
N CYS C 96 0.10 13.81 -0.21
CA CYS C 96 -0.08 14.40 -1.53
C CYS C 96 -1.53 14.57 -1.85
N THR C 97 -2.35 13.60 -1.42
CA THR C 97 -3.81 13.51 -1.62
C THR C 97 -4.47 13.08 -0.32
N LYS C 98 -5.79 13.22 -0.26
CA LYS C 98 -6.58 12.82 0.90
C LYS C 98 -6.51 11.29 1.14
N GLU C 99 -6.18 10.51 0.09
CA GLU C 99 -6.09 9.05 0.16
C GLU C 99 -5.19 8.55 1.27
N GLU C 100 -3.91 8.95 1.29
CA GLU C 100 -3.02 8.44 2.33
C GLU C 100 -3.36 9.00 3.70
N PHE C 101 -4.04 10.15 3.74
CA PHE C 101 -4.53 10.69 4.99
C PHE C 101 -5.66 9.79 5.56
N VAL C 102 -6.71 9.47 4.74
CA VAL C 102 -7.79 8.58 5.12
C VAL C 102 -7.22 7.22 5.55
N ASN C 103 -6.20 6.70 4.82
CA ASN C 103 -5.62 5.40 5.16
C ASN C 103 -4.97 5.36 6.53
N ASP C 104 -4.33 6.45 6.93
CA ASP C 104 -3.69 6.54 8.23
C ASP C 104 -4.76 6.63 9.32
N MET C 105 -5.85 7.37 9.07
CA MET C 105 -6.99 7.48 9.96
C MET C 105 -7.61 6.07 10.17
N LYS C 106 -7.79 5.34 9.04
CA LYS C 106 -8.35 3.99 8.94
C LYS C 106 -7.56 3.01 9.80
N THR C 107 -6.22 3.20 9.88
CA THR C 107 -5.26 2.40 10.64
C THR C 107 -5.40 2.69 12.13
N MET C 108 -5.31 3.96 12.50
CA MET C 108 -5.51 4.42 13.87
C MET C 108 -6.76 3.73 14.52
N PHE C 109 -7.91 3.72 13.81
CA PHE C 109 -9.13 3.08 14.31
C PHE C 109 -9.04 1.57 14.28
N ARG C 110 -8.41 1.00 13.23
CA ARG C 110 -8.24 -0.44 13.07
C ARG C 110 -7.43 -0.98 14.27
N ASN C 111 -6.33 -0.27 14.61
CA ASN C 111 -5.42 -0.63 15.70
C ASN C 111 -6.14 -0.65 17.03
N CYS C 112 -7.04 0.33 17.27
CA CYS C 112 -7.82 0.45 18.49
C CYS C 112 -8.68 -0.81 18.70
N ARG C 113 -9.50 -1.14 17.69
CA ARG C 113 -10.39 -2.30 17.61
C ARG C 113 -9.59 -3.57 17.81
N LYS C 114 -8.45 -3.69 17.10
CA LYS C 114 -7.60 -4.88 17.17
C LYS C 114 -7.07 -5.11 18.57
N TYR C 115 -6.43 -4.11 19.14
CA TYR C 115 -5.83 -4.22 20.46
C TYR C 115 -6.81 -4.28 21.64
N ASN C 116 -7.84 -3.41 21.65
CA ASN C 116 -8.76 -3.31 22.77
C ASN C 116 -10.01 -4.19 22.70
N GLY C 117 -10.37 -4.66 21.52
CA GLY C 117 -11.55 -5.50 21.31
C GLY C 117 -12.77 -4.67 20.94
N GLU C 118 -13.81 -5.32 20.38
CA GLU C 118 -15.04 -4.65 19.96
C GLU C 118 -15.83 -4.05 21.14
N SER C 119 -15.79 -4.71 22.30
CA SER C 119 -16.51 -4.30 23.51
C SER C 119 -15.79 -3.26 24.41
N SER C 120 -14.57 -2.85 24.03
CA SER C 120 -13.80 -1.89 24.83
C SER C 120 -14.36 -0.48 24.82
N GLU C 121 -14.12 0.24 25.92
CA GLU C 121 -14.55 1.64 26.08
C GLU C 121 -13.82 2.53 25.07
N TYR C 122 -12.58 2.15 24.72
CA TYR C 122 -11.75 2.84 23.74
C TYR C 122 -12.37 2.75 22.36
N THR C 123 -12.96 1.59 22.04
CA THR C 123 -13.59 1.33 20.76
C THR C 123 -14.87 2.19 20.60
N LYS C 124 -15.62 2.42 21.70
CA LYS C 124 -16.79 3.31 21.69
C LYS C 124 -16.34 4.73 21.33
N MET C 125 -15.22 5.17 21.92
CA MET C 125 -14.59 6.46 21.67
C MET C 125 -14.08 6.58 20.22
N SER C 126 -13.51 5.48 19.71
CA SER C 126 -13.00 5.34 18.35
C SER C 126 -14.13 5.51 17.35
N ASP C 127 -15.31 4.97 17.66
CA ASP C 127 -16.50 5.07 16.79
C ASP C 127 -16.96 6.50 16.73
N ASN C 128 -16.97 7.16 17.89
CA ASN C 128 -17.38 8.56 18.04
C ASN C 128 -16.48 9.47 17.25
N LEU C 129 -15.17 9.23 17.35
CA LEU C 129 -14.13 10.00 16.65
C LEU C 129 -14.19 9.77 15.14
N GLU C 130 -14.53 8.54 14.71
CA GLU C 130 -14.65 8.17 13.30
C GLU C 130 -15.79 8.94 12.66
N ARG C 131 -16.94 9.05 13.38
CA ARG C 131 -18.11 9.76 12.90
C ARG C 131 -17.84 11.26 12.84
N CYS C 132 -17.02 11.75 13.78
CA CYS C 132 -16.48 13.12 13.81
C CYS C 132 -15.58 13.36 12.55
N PHE C 133 -14.57 12.46 12.26
CA PHE C 133 -13.70 12.57 11.09
C PHE C 133 -14.61 12.64 9.84
N HIS C 134 -15.61 11.76 9.76
CA HIS C 134 -16.50 11.73 8.61
C HIS C 134 -17.27 13.05 8.38
N ARG C 135 -17.90 13.63 9.43
CA ARG C 135 -18.61 14.90 9.26
C ARG C 135 -17.66 16.00 8.75
N ALA C 136 -16.44 16.05 9.31
CA ALA C 136 -15.39 17.01 8.99
C ALA C 136 -14.94 16.89 7.54
N MET C 137 -14.86 15.69 7.03
CA MET C 137 -14.46 15.50 5.66
C MET C 137 -15.48 16.03 4.71
N MET C 138 -16.72 15.85 5.07
CA MET C 138 -17.84 16.29 4.26
C MET C 138 -17.95 17.81 4.25
N LYS C 139 -17.60 18.47 5.37
CA LYS C 139 -17.65 19.93 5.51
C LYS C 139 -16.46 20.59 4.82
N HIS C 140 -15.22 20.13 5.12
CA HIS C 140 -13.98 20.72 4.61
C HIS C 140 -13.41 20.08 3.39
N ASP D 40 17.81 2.05 -16.16
CA ASP D 40 18.67 1.32 -15.23
C ASP D 40 17.88 0.23 -14.51
N ASP D 41 17.02 0.59 -13.51
CA ASP D 41 16.13 -0.34 -12.79
C ASP D 41 15.22 -1.05 -13.82
N PHE D 42 14.90 -0.35 -14.95
CA PHE D 42 14.10 -0.87 -16.05
C PHE D 42 14.75 -2.13 -16.60
N THR D 43 15.99 -1.98 -17.12
CA THR D 43 16.80 -3.04 -17.72
C THR D 43 16.87 -4.24 -16.81
N ALA D 44 17.09 -4.02 -15.49
CA ALA D 44 17.15 -5.08 -14.49
C ALA D 44 15.81 -5.85 -14.45
N MET D 45 14.69 -5.11 -14.28
CA MET D 45 13.36 -5.69 -14.23
C MET D 45 12.97 -6.40 -15.53
N TYR D 46 13.42 -5.86 -16.69
CA TYR D 46 13.18 -6.47 -17.99
C TYR D 46 13.90 -7.82 -18.08
N LYS D 47 15.18 -7.85 -17.71
CA LYS D 47 15.98 -9.08 -17.74
C LYS D 47 15.39 -10.14 -16.81
N VAL D 48 14.97 -9.74 -15.58
CA VAL D 48 14.32 -10.60 -14.59
C VAL D 48 13.04 -11.24 -15.16
N LEU D 49 12.15 -10.44 -15.77
CA LEU D 49 10.92 -10.99 -16.34
C LEU D 49 11.21 -11.99 -17.44
N ASP D 50 12.20 -11.70 -18.30
CA ASP D 50 12.60 -12.62 -19.36
C ASP D 50 13.03 -13.97 -18.83
N VAL D 51 13.81 -13.97 -17.75
CA VAL D 51 14.30 -15.19 -17.08
C VAL D 51 13.10 -15.94 -16.50
N VAL D 52 12.22 -15.23 -15.81
CA VAL D 52 11.02 -15.79 -15.20
C VAL D 52 10.14 -16.46 -16.28
N LYS D 53 9.82 -15.75 -17.39
CA LYS D 53 9.01 -16.28 -18.48
C LYS D 53 9.60 -17.58 -19.06
N ALA D 54 10.94 -17.66 -19.14
CA ALA D 54 11.68 -18.82 -19.64
C ALA D 54 11.60 -20.08 -18.77
N HIS D 55 11.34 -19.93 -17.46
CA HIS D 55 11.24 -21.04 -16.49
C HIS D 55 10.14 -22.02 -16.86
N LYS D 56 10.42 -23.32 -16.69
CA LYS D 56 9.55 -24.46 -17.03
C LYS D 56 8.14 -24.37 -16.42
N ASP D 57 8.01 -23.73 -15.26
CA ASP D 57 6.73 -23.63 -14.54
C ASP D 57 6.02 -22.27 -14.66
N SER D 58 6.45 -21.41 -15.60
CA SER D 58 5.88 -20.07 -15.78
C SER D 58 4.54 -20.03 -16.49
N TRP D 59 4.28 -20.99 -17.38
CA TRP D 59 3.14 -21.05 -18.30
C TRP D 59 1.79 -20.80 -17.62
N PRO D 60 1.45 -21.24 -16.37
CA PRO D 60 0.14 -20.86 -15.81
C PRO D 60 0.02 -19.40 -15.38
N PHE D 61 1.18 -18.71 -15.21
CA PHE D 61 1.30 -17.31 -14.75
C PHE D 61 1.53 -16.30 -15.86
N LEU D 62 1.58 -16.73 -17.12
CA LEU D 62 1.87 -15.83 -18.25
C LEU D 62 0.74 -14.84 -18.57
N GLU D 63 -0.51 -15.27 -18.50
CA GLU D 63 -1.64 -14.38 -18.81
C GLU D 63 -2.63 -14.28 -17.64
N PRO D 64 -3.59 -13.32 -17.61
CA PRO D 64 -4.62 -13.33 -16.56
C PRO D 64 -5.37 -14.69 -16.59
N VAL D 65 -5.69 -15.23 -15.39
CA VAL D 65 -6.40 -16.48 -15.15
C VAL D 65 -7.69 -16.60 -15.94
N ASP D 66 -7.83 -17.70 -16.72
CA ASP D 66 -9.01 -18.06 -17.50
C ASP D 66 -9.94 -18.71 -16.50
N GLU D 67 -11.07 -18.03 -16.20
CA GLU D 67 -12.06 -18.50 -15.24
C GLU D 67 -12.67 -19.86 -15.61
N SER D 68 -12.57 -20.29 -16.89
CA SER D 68 -13.10 -21.59 -17.31
C SER D 68 -12.24 -22.75 -16.76
N TYR D 69 -10.98 -22.46 -16.40
CA TYR D 69 -10.07 -23.43 -15.80
C TYR D 69 -10.10 -23.31 -14.29
N ALA D 70 -10.41 -22.12 -13.77
CA ALA D 70 -10.48 -21.83 -12.34
C ALA D 70 -11.83 -21.18 -11.97
N PRO D 71 -12.87 -22.00 -11.62
CA PRO D 71 -14.19 -21.45 -11.26
C PRO D 71 -14.18 -20.37 -10.16
N ASN D 72 -14.88 -19.26 -10.43
CA ASN D 72 -15.06 -18.09 -9.56
C ASN D 72 -13.73 -17.46 -9.08
N TYR D 73 -12.65 -17.62 -9.87
CA TYR D 73 -11.34 -17.07 -9.52
C TYR D 73 -11.43 -15.60 -9.13
N TYR D 74 -12.13 -14.80 -9.96
CA TYR D 74 -12.29 -13.37 -9.78
C TYR D 74 -13.25 -13.00 -8.64
N GLN D 75 -14.04 -13.95 -8.15
CA GLN D 75 -14.89 -13.72 -7.01
C GLN D 75 -14.02 -13.85 -5.75
N ILE D 76 -13.09 -14.85 -5.74
CA ILE D 76 -12.18 -15.18 -4.64
C ILE D 76 -10.98 -14.22 -4.57
N ILE D 77 -10.29 -14.01 -5.70
CA ILE D 77 -9.09 -13.17 -5.80
C ILE D 77 -9.45 -11.72 -6.12
N LYS D 78 -9.18 -10.85 -5.18
CA LYS D 78 -9.52 -9.44 -5.33
C LYS D 78 -8.45 -8.68 -6.09
N ALA D 79 -7.17 -9.10 -6.04
CA ALA D 79 -6.09 -8.41 -6.76
C ALA D 79 -5.42 -9.34 -7.74
N PRO D 80 -6.02 -9.71 -8.90
CA PRO D 80 -5.32 -10.63 -9.80
C PRO D 80 -4.04 -10.01 -10.38
N MET D 81 -2.99 -10.83 -10.53
CA MET D 81 -1.68 -10.43 -11.06
C MET D 81 -1.11 -11.54 -11.92
N ASP D 82 -0.47 -11.20 -13.03
CA ASP D 82 0.17 -12.17 -13.93
C ASP D 82 1.40 -11.54 -14.60
N ILE D 83 2.26 -12.37 -15.21
CA ILE D 83 3.46 -11.87 -15.87
C ILE D 83 3.16 -10.88 -17.02
N SER D 84 2.10 -11.10 -17.83
CA SER D 84 1.82 -10.17 -18.94
C SER D 84 1.44 -8.77 -18.44
N SER D 85 0.71 -8.70 -17.28
CA SER D 85 0.29 -7.47 -16.64
C SER D 85 1.50 -6.71 -16.09
N MET D 86 2.41 -7.44 -15.48
CA MET D 86 3.67 -6.90 -14.96
C MET D 86 4.54 -6.35 -16.09
N GLU D 87 4.55 -7.02 -17.27
CA GLU D 87 5.27 -6.62 -18.49
C GLU D 87 4.69 -5.31 -19.01
N LYS D 88 3.33 -5.21 -19.00
CA LYS D 88 2.61 -4.02 -19.44
C LYS D 88 2.95 -2.81 -18.56
N LYS D 89 3.07 -3.01 -17.23
CA LYS D 89 3.39 -1.95 -16.27
C LYS D 89 4.84 -1.49 -16.46
N LEU D 90 5.75 -2.45 -16.60
CA LEU D 90 7.17 -2.20 -16.81
C LEU D 90 7.39 -1.39 -18.08
N ASN D 91 6.85 -1.88 -19.20
CA ASN D 91 7.00 -1.22 -20.50
C ASN D 91 6.25 0.12 -20.56
N GLY D 92 5.25 0.30 -19.69
CA GLY D 92 4.47 1.53 -19.60
C GLY D 92 5.07 2.59 -18.70
N GLY D 93 6.21 2.27 -18.09
CA GLY D 93 6.94 3.15 -17.20
C GLY D 93 6.28 3.33 -15.85
N LEU D 94 5.52 2.33 -15.40
CA LEU D 94 4.76 2.35 -14.15
C LEU D 94 5.49 1.77 -12.94
N TYR D 95 6.68 1.19 -13.15
CA TYR D 95 7.48 0.73 -12.03
C TYR D 95 8.61 1.74 -11.81
N CYS D 96 8.41 2.71 -10.89
CA CYS D 96 9.41 3.73 -10.59
C CYS D 96 10.63 3.13 -9.92
N THR D 97 10.38 2.10 -9.06
CA THR D 97 11.37 1.38 -8.27
C THR D 97 11.08 -0.12 -8.33
N LYS D 98 12.07 -0.92 -7.93
CA LYS D 98 11.94 -2.37 -7.86
C LYS D 98 10.87 -2.80 -6.83
N GLU D 99 10.60 -1.93 -5.84
CA GLU D 99 9.63 -2.17 -4.79
C GLU D 99 8.24 -2.52 -5.32
N GLU D 100 7.68 -1.70 -6.20
CA GLU D 100 6.35 -2.03 -6.72
C GLU D 100 6.36 -3.29 -7.57
N PHE D 101 7.46 -3.51 -8.27
CA PHE D 101 7.62 -4.71 -9.07
C PHE D 101 7.58 -5.95 -8.18
N VAL D 102 8.40 -5.98 -7.09
CA VAL D 102 8.42 -7.07 -6.11
C VAL D 102 7.02 -7.27 -5.53
N ASN D 103 6.31 -6.17 -5.20
CA ASN D 103 4.97 -6.27 -4.62
C ASN D 103 3.96 -6.93 -5.53
N ASP D 104 4.05 -6.69 -6.84
CA ASP D 104 3.17 -7.33 -7.81
C ASP D 104 3.50 -8.82 -7.91
N MET D 105 4.78 -9.16 -7.90
CA MET D 105 5.27 -10.54 -7.89
C MET D 105 4.73 -11.28 -6.65
N LYS D 106 4.87 -10.66 -5.46
CA LYS D 106 4.35 -11.17 -4.18
C LYS D 106 2.84 -11.44 -4.31
N THR D 107 2.07 -10.51 -4.95
CA THR D 107 0.62 -10.66 -5.17
C THR D 107 0.32 -11.91 -6.05
N MET D 108 1.06 -12.06 -7.17
CA MET D 108 0.96 -13.19 -8.07
C MET D 108 0.96 -14.51 -7.31
N PHE D 109 2.01 -14.70 -6.48
CA PHE D 109 2.21 -15.91 -5.71
C PHE D 109 1.24 -16.08 -4.55
N ARG D 110 0.83 -14.95 -3.92
CA ARG D 110 -0.12 -14.94 -2.80
C ARG D 110 -1.45 -15.45 -3.29
N ASN D 111 -1.89 -14.97 -4.47
CA ASN D 111 -3.12 -15.33 -5.17
C ASN D 111 -3.18 -16.83 -5.44
N CYS D 112 -2.06 -17.39 -5.92
CA CYS D 112 -1.92 -18.81 -6.23
C CYS D 112 -2.21 -19.68 -5.00
N ARG D 113 -1.47 -19.43 -3.93
CA ARG D 113 -1.58 -20.06 -2.61
C ARG D 113 -3.00 -19.93 -2.09
N LYS D 114 -3.57 -18.72 -2.15
CA LYS D 114 -4.90 -18.43 -1.64
C LYS D 114 -5.96 -19.25 -2.35
N TYR D 115 -5.98 -19.18 -3.70
CA TYR D 115 -6.97 -19.87 -4.52
C TYR D 115 -6.80 -21.41 -4.58
N ASN D 116 -5.58 -21.89 -4.79
CA ASN D 116 -5.31 -23.32 -5.00
C ASN D 116 -4.99 -24.14 -3.74
N GLY D 117 -4.57 -23.48 -2.66
CA GLY D 117 -4.21 -24.13 -1.41
C GLY D 117 -2.73 -24.46 -1.34
N GLU D 118 -2.22 -24.75 -0.12
CA GLU D 118 -0.80 -25.07 0.10
C GLU D 118 -0.35 -26.38 -0.59
N SER D 119 -1.24 -27.37 -0.67
CA SER D 119 -0.98 -28.69 -1.24
C SER D 119 -1.18 -28.80 -2.78
N SER D 120 -1.60 -27.71 -3.45
CA SER D 120 -1.83 -27.72 -4.89
C SER D 120 -0.57 -27.84 -5.71
N GLU D 121 -0.70 -28.46 -6.90
CA GLU D 121 0.39 -28.62 -7.86
C GLU D 121 0.82 -27.25 -8.40
N TYR D 122 -0.12 -26.29 -8.48
CA TYR D 122 0.13 -24.92 -8.89
C TYR D 122 1.04 -24.21 -7.88
N THR D 123 0.84 -24.50 -6.59
CA THR D 123 1.62 -23.92 -5.50
C THR D 123 3.08 -24.41 -5.54
N LYS D 124 3.30 -25.68 -5.94
CA LYS D 124 4.65 -26.22 -6.13
C LYS D 124 5.35 -25.43 -7.25
N MET D 125 4.62 -25.18 -8.36
CA MET D 125 5.09 -24.40 -9.51
C MET D 125 5.39 -22.95 -9.11
N SER D 126 4.55 -22.38 -8.24
CA SER D 126 4.64 -21.02 -7.71
C SER D 126 5.90 -20.86 -6.89
N ASP D 127 6.27 -21.91 -6.11
CA ASP D 127 7.46 -21.90 -5.27
C ASP D 127 8.67 -21.92 -6.14
N ASN D 128 8.64 -22.73 -7.19
CA ASN D 128 9.72 -22.87 -8.15
C ASN D 128 9.99 -21.55 -8.87
N LEU D 129 8.91 -20.89 -9.30
CA LEU D 129 8.97 -19.62 -10.00
C LEU D 129 9.44 -18.50 -9.09
N GLU D 130 9.08 -18.56 -7.80
CA GLU D 130 9.50 -17.59 -6.79
C GLU D 130 11.03 -17.68 -6.58
N ARG D 131 11.60 -18.92 -6.45
CA ARG D 131 13.05 -19.23 -6.33
C ARG D 131 13.79 -18.67 -7.56
N CYS D 132 13.14 -18.81 -8.75
CA CYS D 132 13.63 -18.32 -10.03
C CYS D 132 13.70 -16.79 -10.02
N PHE D 133 12.57 -16.10 -9.59
CA PHE D 133 12.48 -14.64 -9.44
C PHE D 133 13.64 -14.16 -8.58
N HIS D 134 13.89 -14.87 -7.47
CA HIS D 134 14.95 -14.55 -6.52
C HIS D 134 16.36 -14.62 -7.13
N ARG D 135 16.71 -15.74 -7.84
CA ARG D 135 18.04 -15.86 -8.46
C ARG D 135 18.32 -14.70 -9.42
N ALA D 136 17.30 -14.38 -10.26
CA ALA D 136 17.32 -13.32 -11.27
C ALA D 136 17.53 -11.95 -10.68
N MET D 137 16.88 -11.70 -9.52
CA MET D 137 16.98 -10.43 -8.83
C MET D 137 18.37 -10.20 -8.27
N MET D 138 19.06 -11.29 -7.94
CA MET D 138 20.41 -11.26 -7.41
C MET D 138 21.42 -11.03 -8.53
N LYS D 139 21.17 -11.60 -9.71
CA LYS D 139 22.04 -11.49 -10.89
C LYS D 139 21.91 -10.12 -11.56
N HIS D 140 20.68 -9.69 -11.86
CA HIS D 140 20.42 -8.46 -12.60
C HIS D 140 20.10 -7.25 -11.74
#